data_4UC8
#
_entry.id   4UC8
#
_cell.length_a   71.808
_cell.length_b   134.723
_cell.length_c   50.362
_cell.angle_alpha   90.00
_cell.angle_beta   90.00
_cell.angle_gamma   90.00
#
_symmetry.space_group_name_H-M   'P 21 21 2'
#
loop_
_entity.id
_entity.type
_entity.pdbx_description
1 polymer NUCLEOPROTEIN
2 non-polymer PHENYLALANINE
3 non-polymer 'SULFATE ION'
4 non-polymer GLYCEROL
5 water water
#
_entity_poly.entity_id   1
_entity_poly.type   'polypeptide(L)'
_entity_poly.pdbx_seq_one_letter_code
;MGSDSIDTPNYDVQKHINKLCGMLLITEDANHKFTGLIGMLYAMSRLGREDTIKILRDAGYHVKANGVDVTTHRQDINGK
EMKFEVLTLASLTTEIQINIEIESRKSYKKMLKEMGEVAPEYRHDSPDCGMIILCIAALVITKLAAGDRSGLTAVIRRAN
NVLKNEMKRYKGLLPKDIANSFYEVFEKHPHFIDVFVHFGIAQSSTKGGSRVEGIFAGLFMNAYGLEHHHHHH
;
_entity_poly.pdbx_strand_id   A,B
#
# COMPACT_ATOMS: atom_id res chain seq x y z
N SER A 5 -3.60 26.17 8.69
CA SER A 5 -2.72 26.88 7.75
C SER A 5 -2.45 26.08 6.48
N ILE A 6 -2.99 26.55 5.34
CA ILE A 6 -2.82 25.85 4.06
C ILE A 6 -2.25 26.77 2.97
N ASP A 7 -1.27 26.25 2.24
CA ASP A 7 -0.66 26.93 1.09
C ASP A 7 -1.65 27.02 -0.05
N THR A 8 -1.90 28.25 -0.54
CA THR A 8 -2.84 28.44 -1.65
C THR A 8 -2.13 29.11 -2.82
N PRO A 9 -1.35 28.32 -3.61
CA PRO A 9 -0.65 28.91 -4.76
C PRO A 9 -1.59 29.46 -5.82
N ASN A 10 -1.23 30.60 -6.41
CA ASN A 10 -2.02 31.24 -7.46
C ASN A 10 -1.40 30.96 -8.81
N TYR A 11 -2.03 31.45 -9.90
CA TYR A 11 -1.57 31.22 -11.28
C TYR A 11 -0.13 31.65 -11.53
N ASP A 12 0.35 32.71 -10.84
CA ASP A 12 1.68 33.29 -10.96
C ASP A 12 2.85 32.34 -10.61
N VAL A 13 2.60 31.25 -9.82
CA VAL A 13 3.64 30.29 -9.43
C VAL A 13 3.46 28.92 -10.13
N GLN A 14 2.41 28.77 -10.93
CA GLN A 14 2.11 27.54 -11.66
C GLN A 14 3.33 27.04 -12.49
N LYS A 15 3.98 27.93 -13.25
CA LYS A 15 5.16 27.58 -14.09
C LYS A 15 6.30 27.06 -13.23
N HIS A 16 6.53 27.72 -12.08
CA HIS A 16 7.59 27.29 -11.17
C HIS A 16 7.29 25.91 -10.57
N ILE A 17 6.05 25.66 -10.16
CA ILE A 17 5.66 24.34 -9.60
C ILE A 17 5.80 23.26 -10.68
N ASN A 18 5.41 23.58 -11.93
CA ASN A 18 5.56 22.66 -13.05
C ASN A 18 7.05 22.24 -13.18
N LYS A 19 7.95 23.21 -13.08
CA LYS A 19 9.40 22.98 -13.20
C LYS A 19 9.96 22.17 -12.00
N LEU A 20 9.38 22.36 -10.79
CA LEU A 20 9.73 21.57 -9.61
C LEU A 20 9.36 20.10 -9.87
N CYS A 21 8.16 19.84 -10.47
CA CYS A 21 7.72 18.49 -10.89
C CYS A 21 8.73 17.93 -11.91
N GLY A 22 9.11 18.75 -12.88
CA GLY A 22 10.06 18.39 -13.91
C GLY A 22 11.42 18.04 -13.37
N MET A 23 11.88 18.78 -12.34
CA MET A 23 13.16 18.55 -11.68
C MET A 23 13.23 17.17 -11.05
N LEU A 24 12.14 16.74 -10.43
CA LEU A 24 12.01 15.40 -9.85
C LEU A 24 11.94 14.36 -10.97
N LEU A 25 11.17 14.63 -12.03
CA LEU A 25 11.05 13.71 -13.18
C LEU A 25 12.38 13.41 -13.90
N ILE A 26 13.32 14.37 -13.90
CA ILE A 26 14.60 14.13 -14.58
C ILE A 26 15.64 13.51 -13.65
N THR A 27 15.33 13.39 -12.33
CA THR A 27 16.27 12.85 -11.35
C THR A 27 16.26 11.35 -11.33
N GLU A 28 17.41 10.75 -11.62
CA GLU A 28 17.63 9.30 -11.57
C GLU A 28 17.50 8.88 -10.10
N ASP A 29 16.64 7.88 -9.82
CA ASP A 29 16.36 7.39 -8.45
C ASP A 29 15.96 8.56 -7.52
N ALA A 30 15.02 9.40 -8.00
CA ALA A 30 14.55 10.57 -7.27
C ALA A 30 13.93 10.16 -5.94
N ASN A 31 14.14 11.02 -4.95
CA ASN A 31 13.50 10.89 -3.65
C ASN A 31 12.10 11.48 -3.85
N HIS A 32 11.09 10.62 -3.94
CA HIS A 32 9.69 11.04 -4.16
C HIS A 32 8.87 11.24 -2.89
N LYS A 33 9.54 11.46 -1.74
CA LYS A 33 8.86 11.71 -0.45
C LYS A 33 7.85 12.90 -0.52
N PHE A 34 8.19 13.96 -1.27
CA PHE A 34 7.33 15.15 -1.33
C PHE A 34 6.55 15.35 -2.64
N THR A 35 6.60 14.35 -3.53
CA THR A 35 5.98 14.46 -4.84
C THR A 35 4.45 14.57 -4.78
N GLY A 36 3.81 13.84 -3.86
CA GLY A 36 2.36 13.91 -3.67
C GLY A 36 1.93 15.33 -3.32
N LEU A 37 2.63 15.94 -2.36
CA LEU A 37 2.37 17.32 -1.96
C LEU A 37 2.65 18.29 -3.11
N ILE A 38 3.77 18.10 -3.84
CA ILE A 38 4.15 18.99 -4.95
C ILE A 38 3.11 18.93 -6.07
N GLY A 39 2.64 17.73 -6.41
CA GLY A 39 1.60 17.53 -7.40
C GLY A 39 0.30 18.20 -7.00
N MET A 40 -0.04 18.11 -5.70
CA MET A 40 -1.23 18.76 -5.16
C MET A 40 -1.12 20.31 -5.17
N LEU A 41 0.09 20.84 -4.94
CA LEU A 41 0.36 22.28 -5.05
C LEU A 41 0.21 22.69 -6.52
N TYR A 42 0.66 21.83 -7.46
CA TYR A 42 0.46 22.08 -8.87
C TYR A 42 -1.04 22.17 -9.24
N ALA A 43 -1.86 21.21 -8.80
CA ALA A 43 -3.31 21.19 -9.05
C ALA A 43 -3.98 22.46 -8.49
N MET A 44 -3.55 22.90 -7.29
CA MET A 44 -4.05 24.14 -6.66
C MET A 44 -3.66 25.38 -7.46
N SER A 45 -2.42 25.41 -8.01
CA SER A 45 -1.96 26.55 -8.83
C SER A 45 -2.72 26.61 -10.21
N ARG A 46 -3.29 25.49 -10.66
CA ARG A 46 -4.10 25.43 -11.88
C ARG A 46 -5.48 25.97 -11.58
N LEU A 47 -6.04 25.61 -10.42
CA LEU A 47 -7.33 26.12 -9.97
C LEU A 47 -7.28 27.60 -9.59
N GLY A 48 -6.12 28.03 -9.05
CA GLY A 48 -5.93 29.39 -8.55
C GLY A 48 -6.39 29.48 -7.10
N ARG A 49 -5.92 30.48 -6.36
CA ARG A 49 -6.20 30.66 -4.94
C ARG A 49 -7.67 30.84 -4.59
N GLU A 50 -8.40 31.69 -5.35
CA GLU A 50 -9.82 31.98 -5.11
C GLU A 50 -10.67 30.71 -5.16
N ASP A 51 -10.53 29.93 -6.25
CA ASP A 51 -11.26 28.66 -6.44
C ASP A 51 -10.84 27.61 -5.42
N THR A 52 -9.53 27.52 -5.09
CA THR A 52 -9.04 26.56 -4.08
C THR A 52 -9.70 26.82 -2.74
N ILE A 53 -9.66 28.07 -2.26
CA ILE A 53 -10.28 28.47 -1.00
C ILE A 53 -11.78 28.19 -1.05
N LYS A 54 -12.43 28.56 -2.15
CA LYS A 54 -13.88 28.32 -2.29
C LYS A 54 -14.21 26.85 -2.14
N ILE A 55 -13.45 25.95 -2.83
CA ILE A 55 -13.65 24.49 -2.77
C ILE A 55 -13.53 23.99 -1.33
N LEU A 56 -12.48 24.43 -0.63
CA LEU A 56 -12.19 24.01 0.73
C LEU A 56 -13.21 24.50 1.74
N ARG A 57 -13.60 25.79 1.65
N ARG A 57 -13.59 25.79 1.64
CA ARG A 57 -14.59 26.38 2.55
CA ARG A 57 -14.55 26.42 2.54
C ARG A 57 -15.96 25.79 2.30
C ARG A 57 -15.97 25.86 2.29
N ASP A 58 -16.30 25.51 1.02
CA ASP A 58 -17.59 24.91 0.64
C ASP A 58 -17.70 23.47 1.13
N ALA A 59 -16.56 22.74 1.19
CA ALA A 59 -16.48 21.35 1.69
C ALA A 59 -16.49 21.26 3.23
N GLY A 60 -16.51 22.40 3.91
CA GLY A 60 -16.54 22.47 5.37
C GLY A 60 -15.20 22.63 6.05
N TYR A 61 -14.12 22.81 5.31
CA TYR A 61 -12.81 22.98 5.91
C TYR A 61 -12.59 24.42 6.39
N HIS A 62 -11.83 24.56 7.49
CA HIS A 62 -11.47 25.85 8.08
CA HIS A 62 -11.49 25.86 8.04
C HIS A 62 -10.09 26.15 7.52
N VAL A 63 -10.02 27.08 6.59
CA VAL A 63 -8.77 27.37 5.92
C VAL A 63 -8.20 28.75 6.20
N LYS A 64 -6.91 28.76 6.59
CA LYS A 64 -6.09 29.94 6.80
C LYS A 64 -5.12 29.89 5.62
N ALA A 65 -5.41 30.69 4.58
CA ALA A 65 -4.63 30.71 3.36
C ALA A 65 -3.27 31.36 3.50
N ASN A 66 -2.21 30.64 3.08
CA ASN A 66 -0.87 31.19 3.04
C ASN A 66 -0.56 31.44 1.57
N GLY A 67 -0.30 32.71 1.26
CA GLY A 67 0.08 33.15 -0.08
C GLY A 67 1.42 32.54 -0.46
N VAL A 68 1.58 32.19 -1.74
CA VAL A 68 2.80 31.56 -2.20
C VAL A 68 3.55 32.48 -3.16
N ASP A 69 4.75 32.90 -2.76
CA ASP A 69 5.59 33.76 -3.61
C ASP A 69 6.81 32.99 -4.11
N VAL A 70 7.44 33.47 -5.21
CA VAL A 70 8.70 32.90 -5.71
C VAL A 70 9.75 33.87 -5.21
N THR A 71 10.82 33.36 -4.59
CA THR A 71 11.92 34.18 -4.08
C THR A 71 13.25 33.55 -4.32
N THR A 72 14.31 34.36 -4.21
CA THR A 72 15.69 33.92 -4.41
C THR A 72 16.37 33.59 -3.09
N HIS A 73 16.98 32.39 -3.00
CA HIS A 73 17.77 31.98 -1.85
C HIS A 73 19.17 31.73 -2.33
N ARG A 74 20.12 32.43 -1.70
CA ARG A 74 21.54 32.32 -2.01
C ARG A 74 22.16 31.45 -0.92
N GLN A 75 22.82 30.36 -1.33
CA GLN A 75 23.45 29.38 -0.44
C GLN A 75 24.75 28.88 -1.07
N ASP A 76 25.78 28.67 -0.23
CA ASP A 76 27.07 28.16 -0.67
C ASP A 76 27.02 26.64 -0.75
N ILE A 77 27.28 26.10 -1.94
CA ILE A 77 27.30 24.66 -2.19
C ILE A 77 28.66 24.36 -2.81
N ASN A 78 29.45 23.50 -2.13
CA ASN A 78 30.83 23.11 -2.51
C ASN A 78 31.77 24.33 -2.62
N GLY A 79 31.66 25.25 -1.66
CA GLY A 79 32.49 26.45 -1.58
C GLY A 79 32.14 27.61 -2.51
N LYS A 80 31.09 27.48 -3.34
CA LYS A 80 30.66 28.52 -4.27
C LYS A 80 29.20 28.94 -4.03
N GLU A 81 28.92 30.27 -4.01
CA GLU A 81 27.57 30.80 -3.86
C GLU A 81 26.71 30.40 -5.05
N MET A 82 25.55 29.81 -4.74
CA MET A 82 24.56 29.38 -5.70
C MET A 82 23.24 30.09 -5.45
N LYS A 83 22.54 30.45 -6.53
CA LYS A 83 21.25 31.15 -6.50
C LYS A 83 20.10 30.18 -6.80
N PHE A 84 19.08 30.13 -5.94
CA PHE A 84 17.93 29.24 -6.15
C PHE A 84 16.60 29.98 -6.06
N GLU A 85 15.72 29.69 -7.01
CA GLU A 85 14.36 30.23 -7.00
C GLU A 85 13.52 29.22 -6.24
N VAL A 86 12.95 29.65 -5.11
CA VAL A 86 12.14 28.78 -4.24
C VAL A 86 10.77 29.39 -3.96
N LEU A 87 9.83 28.56 -3.51
CA LEU A 87 8.49 29.00 -3.14
C LEU A 87 8.39 29.14 -1.63
N THR A 88 7.61 30.11 -1.17
N THR A 88 7.68 30.17 -1.13
CA THR A 88 7.38 30.31 0.26
CA THR A 88 7.52 30.31 0.32
C THR A 88 6.20 29.43 0.63
C THR A 88 6.28 29.49 0.72
N LEU A 89 6.53 28.25 1.13
CA LEU A 89 5.53 27.26 1.48
C LEU A 89 5.66 26.87 2.93
N ALA A 90 4.52 26.84 3.65
CA ALA A 90 4.49 26.38 5.04
C ALA A 90 4.73 24.86 5.06
N SER A 91 4.34 24.16 3.97
CA SER A 91 4.45 22.70 3.87
C SER A 91 5.76 22.15 3.31
N LEU A 92 6.58 22.99 2.65
CA LEU A 92 7.82 22.55 1.99
C LEU A 92 8.96 23.55 2.25
N THR A 93 9.99 23.16 3.03
CA THR A 93 11.11 24.06 3.37
C THR A 93 11.97 24.44 2.18
N THR A 94 12.67 25.57 2.29
CA THR A 94 13.63 26.09 1.32
C THR A 94 14.71 25.01 1.11
N GLU A 95 15.16 24.37 2.21
CA GLU A 95 16.17 23.32 2.19
C GLU A 95 15.77 22.12 1.33
N ILE A 96 14.52 21.62 1.49
CA ILE A 96 14.02 20.48 0.70
C ILE A 96 13.95 20.83 -0.80
N GLN A 97 13.47 22.04 -1.11
CA GLN A 97 13.33 22.53 -2.49
C GLN A 97 14.69 22.68 -3.16
N ILE A 98 15.71 23.21 -2.42
CA ILE A 98 17.06 23.39 -2.92
C ILE A 98 17.73 22.03 -3.20
N ASN A 99 17.55 21.05 -2.28
CA ASN A 99 18.06 19.68 -2.43
C ASN A 99 17.49 19.00 -3.66
N ILE A 100 16.20 19.22 -3.95
CA ILE A 100 15.54 18.70 -5.14
C ILE A 100 16.25 19.27 -6.38
N GLU A 101 16.50 20.59 -6.42
CA GLU A 101 17.19 21.23 -7.53
C GLU A 101 18.63 20.74 -7.69
N ILE A 102 19.38 20.61 -6.57
CA ILE A 102 20.78 20.15 -6.62
C ILE A 102 20.88 18.76 -7.24
N GLU A 103 20.01 17.83 -6.79
CA GLU A 103 20.00 16.45 -7.29
C GLU A 103 19.59 16.39 -8.76
N SER A 104 18.66 17.28 -9.15
CA SER A 104 18.14 17.42 -10.51
C SER A 104 19.28 17.89 -11.43
N ARG A 105 20.08 18.87 -10.98
CA ARG A 105 21.23 19.39 -11.73
C ARG A 105 22.29 18.32 -12.00
N LYS A 106 22.51 17.40 -11.04
CA LYS A 106 23.46 16.29 -11.18
C LYS A 106 23.01 15.34 -12.29
N SER A 107 21.70 15.01 -12.31
CA SER A 107 21.12 14.14 -13.33
C SER A 107 21.12 14.85 -14.71
N TYR A 108 20.90 16.17 -14.71
CA TYR A 108 20.92 16.99 -15.92
C TYR A 108 22.33 17.02 -16.56
N LYS A 109 23.38 17.08 -15.72
CA LYS A 109 24.78 17.05 -16.18
C LYS A 109 25.08 15.72 -16.87
N LYS A 110 24.59 14.58 -16.33
CA LYS A 110 24.79 13.25 -16.91
C LYS A 110 24.11 13.15 -18.27
N MET A 111 22.90 13.74 -18.41
CA MET A 111 22.14 13.78 -19.65
C MET A 111 22.85 14.55 -20.73
N LEU A 112 23.31 15.76 -20.40
CA LEU A 112 24.03 16.64 -21.30
C LEU A 112 25.33 15.97 -21.82
N LYS A 113 26.08 15.23 -20.95
CA LYS A 113 27.29 14.48 -21.36
C LYS A 113 26.96 13.36 -22.35
N GLU A 114 25.84 12.65 -22.11
CA GLU A 114 25.41 11.51 -22.93
C GLU A 114 24.74 11.90 -24.24
N MET A 115 23.83 12.90 -24.24
CA MET A 115 23.10 13.29 -25.45
C MET A 115 23.73 14.47 -26.23
N GLY A 116 24.60 15.24 -25.59
CA GLY A 116 25.25 16.40 -26.20
C GLY A 116 24.45 17.70 -26.14
N GLU A 117 23.14 17.55 -25.87
CA GLU A 117 22.13 18.58 -25.77
C GLU A 117 20.99 17.98 -24.94
N VAL A 118 19.97 18.78 -24.60
CA VAL A 118 18.77 18.27 -23.95
C VAL A 118 17.56 18.77 -24.75
N ALA A 119 17.00 17.89 -25.58
CA ALA A 119 15.82 18.18 -26.41
C ALA A 119 14.61 18.55 -25.52
N PRO A 120 13.65 19.41 -26.01
CA PRO A 120 12.53 19.86 -25.17
C PRO A 120 11.77 18.80 -24.39
N GLU A 121 11.60 17.60 -24.98
CA GLU A 121 10.81 16.53 -24.37
C GLU A 121 11.52 15.86 -23.19
N TYR A 122 12.83 16.15 -22.98
CA TYR A 122 13.60 15.57 -21.88
C TYR A 122 13.87 16.56 -20.77
N ARG A 123 13.42 17.81 -20.94
CA ARG A 123 13.65 18.90 -20.01
C ARG A 123 12.73 18.89 -18.80
N HIS A 124 13.26 19.40 -17.65
CA HIS A 124 12.53 19.60 -16.41
C HIS A 124 11.51 20.75 -16.56
N ASP A 125 11.65 21.58 -17.61
CA ASP A 125 10.73 22.70 -17.82
C ASP A 125 9.75 22.44 -18.97
N SER A 126 9.62 21.17 -19.44
CA SER A 126 8.60 20.85 -20.45
C SER A 126 7.22 21.22 -19.83
N PRO A 127 6.32 21.86 -20.60
CA PRO A 127 5.02 22.30 -20.04
C PRO A 127 4.13 21.22 -19.45
N ASP A 128 4.34 19.93 -19.78
CA ASP A 128 3.47 18.84 -19.29
C ASP A 128 3.98 18.10 -18.03
N CYS A 129 5.08 18.56 -17.41
CA CYS A 129 5.66 17.87 -16.25
C CYS A 129 4.71 17.73 -15.04
N GLY A 130 4.01 18.80 -14.68
CA GLY A 130 3.05 18.75 -13.59
C GLY A 130 1.91 17.78 -13.87
N MET A 131 1.43 17.74 -15.13
CA MET A 131 0.33 16.84 -15.53
C MET A 131 0.75 15.39 -15.52
N ILE A 132 2.04 15.10 -15.81
CA ILE A 132 2.55 13.72 -15.75
C ILE A 132 2.43 13.18 -14.32
N ILE A 133 2.80 14.00 -13.32
CA ILE A 133 2.71 13.66 -11.90
C ILE A 133 1.24 13.43 -11.50
N LEU A 134 0.33 14.30 -11.97
CA LEU A 134 -1.10 14.20 -11.67
C LEU A 134 -1.77 12.99 -12.33
N CYS A 135 -1.13 12.39 -13.36
CA CYS A 135 -1.65 11.16 -14.00
C CYS A 135 -1.54 10.01 -12.99
N ILE A 136 -0.45 9.99 -12.18
CA ILE A 136 -0.29 8.97 -11.14
C ILE A 136 -1.37 9.20 -10.05
N ALA A 137 -1.64 10.48 -9.69
CA ALA A 137 -2.71 10.82 -8.71
C ALA A 137 -4.08 10.34 -9.21
N ALA A 138 -4.36 10.46 -10.53
CA ALA A 138 -5.64 9.99 -11.14
C ALA A 138 -5.78 8.48 -10.96
N LEU A 139 -4.66 7.74 -11.04
CA LEU A 139 -4.65 6.27 -10.82
C LEU A 139 -4.86 5.90 -9.35
N VAL A 140 -4.23 6.64 -8.41
CA VAL A 140 -4.32 6.40 -6.98
C VAL A 140 -5.75 6.64 -6.47
N ILE A 141 -6.41 7.71 -6.96
CA ILE A 141 -7.78 8.09 -6.60
C ILE A 141 -8.80 6.95 -6.91
N THR A 142 -8.52 6.11 -7.93
CA THR A 142 -9.36 4.97 -8.36
C THR A 142 -9.32 3.82 -7.35
N LYS A 143 -8.15 3.58 -6.72
CA LYS A 143 -7.97 2.51 -5.74
C LYS A 143 -7.34 3.12 -4.50
N LEU A 144 -8.18 3.67 -3.59
CA LEU A 144 -7.72 4.41 -2.41
C LEU A 144 -8.31 3.95 -1.08
N ALA A 145 -9.65 4.04 -0.93
CA ALA A 145 -10.42 3.72 0.28
C ALA A 145 -10.07 2.36 0.95
N ALA A 146 -9.74 2.37 2.28
CA ALA A 146 -9.63 3.56 3.13
C ALA A 146 -8.16 3.74 3.55
N GLY A 147 -7.68 2.79 4.36
CA GLY A 147 -6.29 2.69 4.79
C GLY A 147 -5.74 1.45 4.11
N ASP A 148 -5.97 1.38 2.78
CA ASP A 148 -5.62 0.25 1.96
C ASP A 148 -4.83 0.61 0.70
N ARG A 149 -3.57 0.15 0.65
CA ARG A 149 -2.69 0.31 -0.50
C ARG A 149 -2.61 -1.01 -1.31
N SER A 150 -3.65 -1.87 -1.26
CA SER A 150 -3.67 -3.16 -2.00
C SER A 150 -3.70 -2.93 -3.50
N GLY A 151 -4.33 -1.83 -3.91
CA GLY A 151 -4.43 -1.38 -5.30
C GLY A 151 -3.12 -0.89 -5.89
N LEU A 152 -2.03 -0.80 -5.08
CA LEU A 152 -0.70 -0.30 -5.50
C LEU A 152 -0.14 -1.05 -6.72
N THR A 153 -0.19 -2.40 -6.72
CA THR A 153 0.29 -3.25 -7.82
C THR A 153 -0.39 -2.89 -9.14
N ALA A 154 -1.74 -2.77 -9.12
CA ALA A 154 -2.57 -2.40 -10.27
C ALA A 154 -2.22 -0.97 -10.72
N VAL A 155 -1.98 -0.05 -9.79
CA VAL A 155 -1.59 1.36 -10.12
C VAL A 155 -0.28 1.35 -10.97
N ILE A 156 0.74 0.60 -10.50
CA ILE A 156 2.05 0.44 -11.15
C ILE A 156 1.87 -0.20 -12.56
N ARG A 157 1.08 -1.29 -12.67
CA ARG A 157 0.81 -1.97 -13.93
C ARG A 157 0.16 -1.00 -14.95
N ARG A 158 -0.93 -0.32 -14.56
CA ARG A 158 -1.61 0.64 -15.43
C ARG A 158 -0.68 1.81 -15.81
N ALA A 159 0.09 2.38 -14.85
CA ALA A 159 1.04 3.45 -15.15
C ALA A 159 2.10 3.04 -16.18
N ASN A 160 2.68 1.82 -16.07
CA ASN A 160 3.67 1.32 -17.03
C ASN A 160 3.11 1.24 -18.46
N ASN A 161 1.82 0.96 -18.61
CA ASN A 161 1.22 0.91 -19.95
C ASN A 161 0.78 2.29 -20.46
N VAL A 162 -0.04 2.99 -19.69
N VAL A 162 -0.07 3.00 -19.68
CA VAL A 162 -0.60 4.29 -20.06
CA VAL A 162 -0.62 4.30 -20.08
C VAL A 162 0.48 5.38 -20.15
C VAL A 162 0.42 5.44 -20.08
N LEU A 163 1.48 5.35 -19.27
CA LEU A 163 2.54 6.37 -19.23
C LEU A 163 3.86 5.89 -19.85
N LYS A 164 3.81 4.87 -20.73
CA LYS A 164 4.97 4.29 -21.42
C LYS A 164 5.86 5.35 -22.09
N ASN A 165 5.24 6.28 -22.85
CA ASN A 165 6.01 7.32 -23.56
C ASN A 165 6.66 8.30 -22.61
N GLU A 166 5.98 8.60 -21.50
CA GLU A 166 6.49 9.57 -20.52
C GLU A 166 7.63 8.95 -19.70
N MET A 167 7.56 7.62 -19.47
CA MET A 167 8.63 6.88 -18.77
C MET A 167 9.90 6.83 -19.61
N LYS A 168 9.77 6.83 -20.95
CA LYS A 168 10.94 6.89 -21.83
C LYS A 168 11.56 8.29 -21.77
N ARG A 169 10.76 9.32 -21.51
CA ARG A 169 11.27 10.70 -21.45
C ARG A 169 11.97 11.00 -20.13
N TYR A 170 11.51 10.39 -19.02
CA TYR A 170 11.96 10.73 -17.65
C TYR A 170 12.37 9.55 -16.76
N LYS A 171 13.65 9.54 -16.33
CA LYS A 171 14.21 8.52 -15.42
C LYS A 171 13.58 8.55 -14.03
N GLY A 172 13.11 9.72 -13.60
CA GLY A 172 12.47 9.92 -12.29
C GLY A 172 10.99 9.59 -12.27
N LEU A 173 10.42 9.15 -13.41
CA LEU A 173 9.02 8.75 -13.43
C LEU A 173 8.99 7.29 -12.97
N LEU A 174 8.93 7.14 -11.63
CA LEU A 174 8.96 5.88 -10.91
C LEU A 174 7.59 5.73 -10.30
N PRO A 175 6.67 5.00 -11.00
CA PRO A 175 5.27 4.90 -10.56
C PRO A 175 5.06 4.43 -9.13
N LYS A 176 5.80 3.42 -8.64
CA LYS A 176 5.66 2.92 -7.27
C LYS A 176 5.86 4.03 -6.21
N ASP A 177 6.99 4.76 -6.31
CA ASP A 177 7.41 5.83 -5.41
C ASP A 177 6.46 7.01 -5.44
N ILE A 178 6.02 7.41 -6.66
CA ILE A 178 5.08 8.53 -6.83
C ILE A 178 3.70 8.14 -6.32
N ALA A 179 3.25 6.91 -6.61
CA ALA A 179 1.95 6.42 -6.15
C ALA A 179 1.92 6.35 -4.62
N ASN A 180 3.01 5.90 -4.00
CA ASN A 180 3.09 5.84 -2.53
C ASN A 180 3.03 7.23 -1.92
N SER A 181 3.70 8.21 -2.56
CA SER A 181 3.70 9.60 -2.13
C SER A 181 2.28 10.19 -2.19
N PHE A 182 1.48 9.86 -3.22
CA PHE A 182 0.09 10.31 -3.30
C PHE A 182 -0.81 9.62 -2.27
N TYR A 183 -0.64 8.29 -2.03
CA TYR A 183 -1.40 7.54 -1.01
C TYR A 183 -1.22 8.24 0.33
N GLU A 184 0.05 8.54 0.67
CA GLU A 184 0.44 9.22 1.89
C GLU A 184 -0.21 10.63 2.02
N VAL A 185 -0.23 11.46 0.92
CA VAL A 185 -0.85 12.79 1.00
C VAL A 185 -2.34 12.72 1.18
N PHE A 186 -2.99 11.76 0.48
CA PHE A 186 -4.43 11.60 0.55
C PHE A 186 -4.88 11.05 1.90
N GLU A 187 -4.05 10.22 2.53
CA GLU A 187 -4.33 9.67 3.86
C GLU A 187 -4.14 10.77 4.93
N LYS A 188 -2.99 11.47 4.89
CA LYS A 188 -2.63 12.53 5.84
C LYS A 188 -3.53 13.77 5.72
N HIS A 189 -3.80 14.22 4.48
CA HIS A 189 -4.59 15.41 4.22
C HIS A 189 -5.76 15.11 3.29
N PRO A 190 -6.88 14.56 3.80
CA PRO A 190 -8.04 14.23 2.93
C PRO A 190 -8.69 15.40 2.16
N HIS A 191 -8.41 16.67 2.54
CA HIS A 191 -8.92 17.84 1.83
C HIS A 191 -8.32 17.96 0.42
N PHE A 192 -7.19 17.26 0.18
CA PHE A 192 -6.54 17.20 -1.11
C PHE A 192 -7.36 16.37 -2.07
N ILE A 193 -8.17 15.42 -1.57
CA ILE A 193 -9.08 14.62 -2.41
C ILE A 193 -10.09 15.55 -3.08
N ASP A 194 -10.73 16.46 -2.31
CA ASP A 194 -11.71 17.44 -2.82
C ASP A 194 -11.06 18.33 -3.86
N VAL A 195 -9.86 18.84 -3.56
CA VAL A 195 -9.12 19.71 -4.45
C VAL A 195 -8.82 18.96 -5.74
N PHE A 196 -8.29 17.73 -5.64
CA PHE A 196 -7.99 16.89 -6.80
C PHE A 196 -9.23 16.63 -7.68
N VAL A 197 -10.36 16.27 -7.09
CA VAL A 197 -11.58 15.95 -7.85
C VAL A 197 -12.12 17.19 -8.60
N HIS A 198 -12.10 18.37 -7.93
CA HIS A 198 -12.52 19.62 -8.57
C HIS A 198 -11.55 19.99 -9.68
N PHE A 199 -10.27 19.70 -9.49
CA PHE A 199 -9.25 19.95 -10.52
C PHE A 199 -9.53 19.10 -11.77
N GLY A 200 -9.76 17.78 -11.59
CA GLY A 200 -10.03 16.87 -12.70
C GLY A 200 -11.26 17.26 -13.49
N ILE A 201 -12.31 17.63 -12.79
CA ILE A 201 -13.54 18.08 -13.44
C ILE A 201 -13.30 19.39 -14.25
N ALA A 202 -12.63 20.38 -13.68
CA ALA A 202 -12.32 21.61 -14.41
C ALA A 202 -11.34 21.35 -15.58
N GLN A 203 -10.41 20.41 -15.42
CA GLN A 203 -9.40 20.13 -16.44
C GLN A 203 -10.00 19.54 -17.72
N SER A 204 -11.17 18.88 -17.62
CA SER A 204 -11.84 18.29 -18.79
C SER A 204 -12.13 19.31 -19.90
N SER A 205 -12.32 20.57 -19.54
CA SER A 205 -12.58 21.66 -20.49
C SER A 205 -11.29 22.36 -21.02
N THR A 206 -10.07 21.86 -20.65
CA THR A 206 -8.78 22.44 -21.12
C THR A 206 -8.68 22.28 -22.65
N LYS A 207 -8.18 23.33 -23.32
CA LYS A 207 -7.99 23.39 -24.77
C LYS A 207 -6.92 22.39 -25.15
N GLY A 208 -7.21 21.59 -26.18
CA GLY A 208 -6.35 20.51 -26.64
C GLY A 208 -4.96 20.89 -27.08
N GLY A 209 -4.20 19.88 -27.48
CA GLY A 209 -2.85 20.01 -27.97
C GLY A 209 -1.88 19.10 -27.25
N SER A 210 -1.96 19.08 -25.90
CA SER A 210 -1.06 18.27 -25.08
C SER A 210 -1.50 16.81 -24.95
N ARG A 211 -0.58 15.88 -25.25
CA ARG A 211 -0.83 14.45 -25.16
C ARG A 211 -1.15 14.09 -23.71
N VAL A 212 -0.37 14.66 -22.77
CA VAL A 212 -0.48 14.34 -21.38
C VAL A 212 -1.78 14.91 -20.78
N GLU A 213 -2.24 16.13 -21.18
CA GLU A 213 -3.55 16.66 -20.72
C GLU A 213 -4.69 15.69 -21.16
N GLY A 214 -4.57 15.09 -22.36
CA GLY A 214 -5.52 14.13 -22.90
C GLY A 214 -5.49 12.79 -22.17
N ILE A 215 -4.28 12.33 -21.77
CA ILE A 215 -4.08 11.10 -21.00
C ILE A 215 -4.75 11.28 -19.62
N PHE A 216 -4.47 12.40 -18.97
CA PHE A 216 -5.05 12.70 -17.67
C PHE A 216 -6.59 12.71 -17.74
N ALA A 217 -7.16 13.42 -18.75
CA ALA A 217 -8.61 13.50 -18.92
C ALA A 217 -9.21 12.10 -19.08
N GLY A 218 -8.51 11.22 -19.80
CA GLY A 218 -8.93 9.84 -20.01
C GLY A 218 -8.88 9.03 -18.73
N LEU A 219 -7.80 9.19 -17.93
CA LEU A 219 -7.62 8.51 -16.63
C LEU A 219 -8.65 8.97 -15.61
N PHE A 220 -8.85 10.29 -15.49
CA PHE A 220 -9.83 10.88 -14.58
C PHE A 220 -11.23 10.40 -14.89
N MET A 221 -11.55 10.21 -16.19
CA MET A 221 -12.85 9.68 -16.64
C MET A 221 -13.02 8.20 -16.27
N ASN A 222 -11.91 7.43 -16.23
CA ASN A 222 -11.89 5.99 -15.89
C ASN A 222 -12.29 5.74 -14.44
N ALA A 223 -11.98 6.70 -13.55
CA ALA A 223 -12.34 6.70 -12.14
C ALA A 223 -13.87 6.86 -11.90
N TYR A 224 -14.65 7.29 -12.95
CA TYR A 224 -16.10 7.52 -12.92
C TYR A 224 -16.91 6.42 -13.61
N GLY A 225 -16.22 5.52 -14.30
CA GLY A 225 -16.85 4.39 -14.98
C GLY A 225 -16.03 3.96 -16.19
N LEU A 226 -16.09 4.76 -17.28
CA LEU A 226 -15.43 4.63 -18.59
C LEU A 226 -16.10 5.58 -19.58
N ASP B 4 5.48 -29.51 -6.70
CA ASP B 4 5.01 -29.16 -8.04
C ASP B 4 4.26 -27.79 -8.03
N SER B 5 2.90 -27.80 -8.12
CA SER B 5 2.04 -26.61 -8.16
C SER B 5 1.85 -25.93 -6.80
N ILE B 6 2.44 -24.74 -6.64
CA ILE B 6 2.33 -24.00 -5.38
C ILE B 6 1.79 -22.59 -5.57
N ASP B 7 0.85 -22.19 -4.69
CA ASP B 7 0.26 -20.86 -4.68
C ASP B 7 1.30 -19.85 -4.21
N THR B 8 1.52 -18.79 -5.01
CA THR B 8 2.49 -17.76 -4.64
C THR B 8 1.77 -16.40 -4.58
N PRO B 9 1.03 -16.14 -3.48
CA PRO B 9 0.32 -14.85 -3.37
C PRO B 9 1.28 -13.66 -3.31
N ASN B 10 0.87 -12.57 -3.95
CA ASN B 10 1.65 -11.35 -3.98
C ASN B 10 1.05 -10.34 -3.01
N TYR B 11 1.68 -9.17 -2.87
CA TYR B 11 1.27 -8.11 -1.95
C TYR B 11 -0.18 -7.67 -2.13
N ASP B 12 -0.70 -7.68 -3.39
CA ASP B 12 -2.06 -7.27 -3.75
C ASP B 12 -3.20 -8.06 -3.08
N VAL B 13 -2.95 -9.29 -2.60
CA VAL B 13 -3.99 -10.12 -1.95
C VAL B 13 -3.76 -10.27 -0.43
N GLN B 14 -2.74 -9.63 0.09
CA GLN B 14 -2.40 -9.64 1.51
C GLN B 14 -3.62 -9.24 2.40
N LYS B 15 -4.33 -8.15 2.05
CA LYS B 15 -5.50 -7.68 2.80
C LYS B 15 -6.63 -8.74 2.81
N HIS B 16 -6.88 -9.36 1.65
N HIS B 16 -6.88 -9.38 1.65
CA HIS B 16 -7.90 -10.42 1.53
CA HIS B 16 -7.88 -10.44 1.48
C HIS B 16 -7.53 -11.61 2.41
C HIS B 16 -7.55 -11.69 2.30
N ILE B 17 -6.25 -12.04 2.41
CA ILE B 17 -5.80 -13.20 3.23
C ILE B 17 -5.92 -12.85 4.71
N ASN B 18 -5.55 -11.60 5.09
CA ASN B 18 -5.68 -11.13 6.47
C ASN B 18 -7.15 -11.27 6.95
N LYS B 19 -8.10 -10.88 6.10
CA LYS B 19 -9.54 -10.95 6.36
C LYS B 19 -10.04 -12.41 6.48
N LEU B 20 -9.47 -13.32 5.69
CA LEU B 20 -9.77 -14.74 5.75
C LEU B 20 -9.31 -15.29 7.14
N CYS B 21 -8.11 -14.88 7.62
CA CYS B 21 -7.60 -15.20 8.98
C CYS B 21 -8.60 -14.64 10.03
N GLY B 22 -9.02 -13.38 9.82
CA GLY B 22 -9.96 -12.71 10.71
C GLY B 22 -11.31 -13.40 10.79
N MET B 23 -11.79 -13.90 9.65
CA MET B 23 -13.06 -14.62 9.56
C MET B 23 -13.06 -15.86 10.42
N LEU B 24 -11.94 -16.59 10.43
CA LEU B 24 -11.75 -17.75 11.27
C LEU B 24 -11.64 -17.33 12.74
N LEU B 25 -10.90 -16.25 13.03
CA LEU B 25 -10.72 -15.73 14.39
C LEU B 25 -12.04 -15.29 15.06
N ILE B 26 -13.04 -14.83 14.28
CA ILE B 26 -14.31 -14.42 14.89
C ILE B 26 -15.30 -15.58 14.97
N THR B 27 -14.99 -16.75 14.38
CA THR B 27 -15.90 -17.90 14.39
C THR B 27 -15.80 -18.68 15.68
N GLU B 28 -16.93 -18.75 16.40
CA GLU B 28 -17.05 -19.50 17.64
C GLU B 28 -16.90 -20.98 17.27
N ASP B 29 -16.01 -21.72 17.96
CA ASP B 29 -15.74 -23.13 17.68
C ASP B 29 -15.40 -23.34 16.20
N ALA B 30 -14.49 -22.50 15.68
CA ALA B 30 -14.07 -22.54 14.29
C ALA B 30 -13.44 -23.86 13.94
N ASN B 31 -13.70 -24.29 12.71
CA ASN B 31 -13.07 -25.46 12.16
C ASN B 31 -11.70 -24.92 11.65
N HIS B 32 -10.62 -25.27 12.38
CA HIS B 32 -9.28 -24.78 12.04
C HIS B 32 -8.47 -25.73 11.15
N LYS B 33 -9.15 -26.62 10.39
CA LYS B 33 -8.51 -27.55 9.45
C LYS B 33 -7.57 -26.84 8.44
N PHE B 34 -7.96 -25.66 7.95
CA PHE B 34 -7.16 -24.97 6.92
C PHE B 34 -6.39 -23.76 7.42
N THR B 35 -6.39 -23.50 8.73
CA THR B 35 -5.76 -22.31 9.29
C THR B 35 -4.24 -22.28 9.11
N GLY B 36 -3.57 -23.44 9.24
CA GLY B 36 -2.14 -23.57 9.02
C GLY B 36 -1.76 -23.13 7.61
N LEU B 37 -2.50 -23.65 6.61
CA LEU B 37 -2.30 -23.29 5.22
C LEU B 37 -2.62 -21.82 4.97
N ILE B 38 -3.71 -21.31 5.55
CA ILE B 38 -4.10 -19.89 5.36
C ILE B 38 -3.05 -18.94 5.97
N GLY B 39 -2.55 -19.29 7.16
CA GLY B 39 -1.50 -18.50 7.81
C GLY B 39 -0.22 -18.50 6.98
N MET B 40 0.12 -19.65 6.37
CA MET B 40 1.27 -19.75 5.47
C MET B 40 1.08 -18.96 4.17
N LEU B 41 -0.15 -18.89 3.65
CA LEU B 41 -0.48 -18.05 2.49
C LEU B 41 -0.31 -16.59 2.88
N TYR B 42 -0.72 -16.24 4.12
CA TYR B 42 -0.52 -14.88 4.62
C TYR B 42 0.97 -14.50 4.68
N ALA B 43 1.83 -15.38 5.25
CA ALA B 43 3.29 -15.16 5.34
C ALA B 43 3.90 -15.00 3.95
N MET B 44 3.45 -15.82 2.97
CA MET B 44 3.90 -15.74 1.58
C MET B 44 3.51 -14.40 0.93
N SER B 45 2.27 -13.91 1.19
CA SER B 45 1.81 -12.63 0.65
C SER B 45 2.60 -11.43 1.22
N ARG B 46 3.13 -11.58 2.46
CA ARG B 46 3.97 -10.55 3.11
C ARG B 46 5.33 -10.57 2.47
N LEU B 47 5.88 -11.75 2.17
CA LEU B 47 7.18 -11.87 1.47
C LEU B 47 7.09 -11.45 -0.01
N GLY B 48 5.94 -11.70 -0.62
CA GLY B 48 5.70 -11.43 -2.03
C GLY B 48 6.10 -12.65 -2.84
N ARG B 49 5.60 -12.74 -4.05
CA ARG B 49 5.84 -13.86 -4.96
C ARG B 49 7.33 -14.09 -5.33
N GLU B 50 8.04 -13.02 -5.70
CA GLU B 50 9.45 -13.10 -6.11
C GLU B 50 10.34 -13.70 -5.00
N ASP B 51 10.24 -13.18 -3.78
CA ASP B 51 11.00 -13.68 -2.62
C ASP B 51 10.58 -15.09 -2.23
N THR B 52 9.27 -15.40 -2.27
CA THR B 52 8.78 -16.75 -1.96
C THR B 52 9.43 -17.77 -2.92
N ILE B 53 9.34 -17.52 -4.23
CA ILE B 53 9.92 -18.42 -5.25
C ILE B 53 11.43 -18.54 -5.03
N LYS B 54 12.11 -17.41 -4.78
CA LYS B 54 13.56 -17.44 -4.54
C LYS B 54 13.89 -18.37 -3.34
N ILE B 55 13.16 -18.24 -2.23
CA ILE B 55 13.36 -19.07 -1.01
C ILE B 55 13.18 -20.56 -1.34
N LEU B 56 12.06 -20.90 -2.00
CA LEU B 56 11.71 -22.28 -2.38
C LEU B 56 12.74 -22.91 -3.31
N ARG B 57 13.21 -22.16 -4.33
CA ARG B 57 14.19 -22.64 -5.28
C ARG B 57 15.57 -22.76 -4.65
N ASP B 58 15.99 -21.74 -3.87
CA ASP B 58 17.28 -21.75 -3.16
C ASP B 58 17.38 -22.95 -2.22
N ALA B 59 16.24 -23.40 -1.67
CA ALA B 59 16.17 -24.56 -0.80
C ALA B 59 16.13 -25.90 -1.56
N GLY B 60 16.07 -25.85 -2.89
CA GLY B 60 16.07 -27.03 -3.75
C GLY B 60 14.71 -27.58 -4.15
N TYR B 61 13.63 -26.83 -3.88
CA TYR B 61 12.30 -27.30 -4.28
C TYR B 61 12.00 -26.99 -5.75
N HIS B 62 11.20 -27.86 -6.40
CA HIS B 62 10.75 -27.73 -7.79
C HIS B 62 9.39 -27.04 -7.71
N VAL B 63 9.36 -25.77 -8.12
CA VAL B 63 8.14 -24.96 -7.98
C VAL B 63 7.50 -24.55 -9.31
N LYS B 64 6.20 -24.78 -9.41
CA LYS B 64 5.34 -24.31 -10.48
C LYS B 64 4.46 -23.30 -9.77
N ALA B 65 4.74 -22.02 -9.96
CA ALA B 65 4.02 -20.95 -9.27
C ALA B 65 2.61 -20.71 -9.82
N ASN B 66 1.62 -20.70 -8.93
CA ASN B 66 0.26 -20.34 -9.31
C ASN B 66 0.01 -18.95 -8.77
N GLY B 67 -0.28 -18.02 -9.67
CA GLY B 67 -0.63 -16.65 -9.35
C GLY B 67 -1.94 -16.62 -8.60
N VAL B 68 -2.06 -15.70 -7.63
CA VAL B 68 -3.26 -15.62 -6.80
C VAL B 68 -4.03 -14.33 -7.09
N ASP B 69 -5.23 -14.46 -7.65
CA ASP B 69 -6.09 -13.32 -7.95
C ASP B 69 -7.33 -13.38 -7.07
N VAL B 70 -8.07 -12.27 -6.99
CA VAL B 70 -9.34 -12.18 -6.27
C VAL B 70 -10.41 -12.31 -7.39
N THR B 71 -11.41 -13.16 -7.17
CA THR B 71 -12.52 -13.36 -8.12
C THR B 71 -13.86 -13.44 -7.38
N THR B 72 -14.94 -13.27 -8.12
CA THR B 72 -16.29 -13.26 -7.59
C THR B 72 -17.00 -14.60 -7.85
N HIS B 73 -17.66 -15.12 -6.82
CA HIS B 73 -18.52 -16.31 -6.94
C HIS B 73 -19.93 -15.99 -6.38
N ARG B 74 -20.98 -16.35 -7.13
CA ARG B 74 -22.37 -16.13 -6.72
C ARG B 74 -22.94 -17.41 -6.09
N GLN B 75 -23.65 -17.27 -4.97
CA GLN B 75 -24.26 -18.38 -4.24
C GLN B 75 -25.47 -17.88 -3.44
N ASP B 76 -26.54 -18.69 -3.36
CA ASP B 76 -27.74 -18.33 -2.61
C ASP B 76 -27.63 -18.63 -1.12
N ILE B 77 -28.06 -17.67 -0.29
CA ILE B 77 -28.16 -17.71 1.17
C ILE B 77 -29.61 -17.31 1.50
N ASN B 78 -30.37 -18.23 2.12
CA ASN B 78 -31.79 -18.04 2.49
C ASN B 78 -32.62 -17.75 1.26
N GLY B 79 -32.25 -18.39 0.15
CA GLY B 79 -32.89 -18.20 -1.15
C GLY B 79 -32.56 -16.88 -1.82
N LYS B 80 -31.64 -16.09 -1.24
CA LYS B 80 -31.22 -14.79 -1.75
C LYS B 80 -29.78 -14.89 -2.24
N GLU B 81 -29.52 -14.43 -3.47
CA GLU B 81 -28.20 -14.46 -4.09
C GLU B 81 -27.22 -13.53 -3.40
N MET B 82 -26.05 -14.07 -3.06
CA MET B 82 -24.95 -13.39 -2.40
C MET B 82 -23.70 -13.49 -3.29
N LYS B 83 -22.89 -12.42 -3.29
CA LYS B 83 -21.67 -12.30 -4.06
C LYS B 83 -20.48 -12.48 -3.10
N PHE B 84 -19.65 -13.49 -3.37
CA PHE B 84 -18.48 -13.73 -2.51
C PHE B 84 -17.17 -13.47 -3.28
N GLU B 85 -16.24 -12.77 -2.63
CA GLU B 85 -14.91 -12.52 -3.17
C GLU B 85 -14.04 -13.65 -2.63
N VAL B 86 -13.41 -14.41 -3.53
CA VAL B 86 -12.57 -15.56 -3.20
C VAL B 86 -11.20 -15.45 -3.89
N LEU B 87 -10.21 -16.21 -3.42
CA LEU B 87 -8.89 -16.23 -4.04
C LEU B 87 -8.75 -17.43 -4.94
N THR B 88 -7.97 -17.27 -6.04
CA THR B 88 -7.69 -18.35 -7.01
C THR B 88 -6.56 -19.22 -6.44
N LEU B 89 -6.90 -20.16 -5.58
CA LEU B 89 -5.89 -20.98 -4.90
C LEU B 89 -6.02 -22.41 -5.34
N ALA B 90 -4.90 -23.01 -5.74
CA ALA B 90 -4.84 -24.41 -6.12
C ALA B 90 -4.99 -25.27 -4.83
N SER B 91 -4.56 -24.72 -3.67
CA SER B 91 -4.61 -25.45 -2.39
C SER B 91 -5.91 -25.30 -1.59
N LEU B 92 -6.77 -24.29 -1.90
CA LEU B 92 -7.98 -24.01 -1.14
C LEU B 92 -9.15 -23.71 -2.09
N THR B 93 -10.15 -24.62 -2.18
CA THR B 93 -11.29 -24.47 -3.10
C THR B 93 -12.17 -23.27 -2.80
N THR B 94 -12.93 -22.83 -3.82
CA THR B 94 -13.91 -21.75 -3.72
C THR B 94 -14.94 -22.13 -2.63
N GLU B 95 -15.36 -23.40 -2.64
CA GLU B 95 -16.32 -23.94 -1.69
C GLU B 95 -15.86 -23.81 -0.23
N ILE B 96 -14.60 -24.19 0.06
CA ILE B 96 -14.05 -24.09 1.43
C ILE B 96 -13.99 -22.62 1.88
N GLN B 97 -13.57 -21.72 0.98
CA GLN B 97 -13.43 -20.30 1.28
C GLN B 97 -14.79 -19.66 1.57
N ILE B 98 -15.82 -20.03 0.79
CA ILE B 98 -17.19 -19.51 0.96
C ILE B 98 -17.78 -20.01 2.28
N ASN B 99 -17.58 -21.31 2.61
CA ASN B 99 -18.01 -21.92 3.88
C ASN B 99 -17.39 -21.24 5.08
N ILE B 100 -16.11 -20.84 4.99
CA ILE B 100 -15.43 -20.10 6.04
C ILE B 100 -16.16 -18.77 6.26
N GLU B 101 -16.49 -18.04 5.17
CA GLU B 101 -17.19 -16.78 5.25
C GLU B 101 -18.61 -16.95 5.82
N ILE B 102 -19.34 -17.97 5.37
CA ILE B 102 -20.71 -18.22 5.84
C ILE B 102 -20.74 -18.46 7.35
N GLU B 103 -19.83 -19.31 7.86
CA GLU B 103 -19.75 -19.63 9.29
C GLU B 103 -19.34 -18.40 10.11
N SER B 104 -18.47 -17.57 9.54
CA SER B 104 -17.98 -16.32 10.12
C SER B 104 -19.16 -15.33 10.27
N ARG B 105 -20.01 -15.22 9.22
CA ARG B 105 -21.20 -14.35 9.22
C ARG B 105 -22.21 -14.76 10.32
N LYS B 106 -22.36 -16.07 10.59
CA LYS B 106 -23.26 -16.59 11.64
C LYS B 106 -22.77 -16.16 13.02
N SER B 107 -21.46 -16.25 13.25
CA SER B 107 -20.85 -15.80 14.50
C SER B 107 -20.92 -14.28 14.64
N TYR B 108 -20.78 -13.56 13.51
CA TYR B 108 -20.86 -12.10 13.47
C TYR B 108 -22.29 -11.62 13.85
N LYS B 109 -23.34 -12.35 13.41
CA LYS B 109 -24.74 -12.05 13.76
C LYS B 109 -24.96 -12.19 15.28
N LYS B 110 -24.36 -13.23 15.92
CA LYS B 110 -24.46 -13.45 17.36
C LYS B 110 -23.82 -12.31 18.14
N MET B 111 -22.70 -11.80 17.64
CA MET B 111 -21.96 -10.66 18.21
C MET B 111 -22.82 -9.39 18.14
N LEU B 112 -23.48 -9.15 16.98
CA LEU B 112 -24.40 -8.03 16.74
C LEU B 112 -25.53 -8.01 17.76
N LYS B 113 -26.14 -9.17 18.00
CA LYS B 113 -27.24 -9.32 18.96
C LYS B 113 -26.80 -9.02 20.40
N GLU B 114 -25.56 -9.36 20.75
CA GLU B 114 -25.00 -9.17 22.08
C GLU B 114 -24.45 -7.72 22.31
N MET B 115 -23.80 -7.11 21.32
CA MET B 115 -23.15 -5.81 21.56
C MET B 115 -23.41 -4.68 20.53
N GLY B 116 -24.30 -4.90 19.57
CA GLY B 116 -24.58 -3.93 18.50
C GLY B 116 -23.48 -4.04 17.47
N GLU B 117 -23.28 -3.00 16.63
CA GLU B 117 -22.17 -3.11 15.68
C GLU B 117 -20.81 -3.34 16.38
N VAL B 118 -19.96 -4.15 15.76
CA VAL B 118 -18.68 -4.63 16.29
C VAL B 118 -17.52 -3.64 16.07
N ALA B 119 -16.76 -3.31 17.16
CA ALA B 119 -15.61 -2.41 17.17
C ALA B 119 -14.48 -2.93 16.25
N PRO B 120 -13.67 -2.06 15.62
CA PRO B 120 -12.60 -2.53 14.71
C PRO B 120 -11.70 -3.67 15.20
N GLU B 121 -11.28 -3.64 16.50
CA GLU B 121 -10.37 -4.64 17.07
C GLU B 121 -11.04 -6.03 17.33
N TYR B 122 -12.37 -6.12 17.20
CA TYR B 122 -13.09 -7.40 17.39
C TYR B 122 -13.58 -7.90 16.07
N ARG B 123 -13.28 -7.15 14.99
CA ARG B 123 -13.73 -7.54 13.65
C ARG B 123 -12.75 -8.45 12.95
N HIS B 124 -13.24 -9.12 11.91
CA HIS B 124 -12.52 -10.03 11.05
C HIS B 124 -11.57 -9.28 10.10
N ASP B 125 -11.73 -7.96 9.96
CA ASP B 125 -10.87 -7.20 9.05
C ASP B 125 -9.85 -6.31 9.80
N SER B 126 -9.63 -6.59 11.11
CA SER B 126 -8.62 -5.89 11.92
C SER B 126 -7.25 -6.16 11.24
N PRO B 127 -6.40 -5.13 11.08
CA PRO B 127 -5.12 -5.32 10.37
C PRO B 127 -4.16 -6.35 10.98
N ASP B 128 -4.34 -6.73 12.26
CA ASP B 128 -3.42 -7.66 12.92
C ASP B 128 -3.90 -9.15 12.90
N CYS B 129 -5.00 -9.47 12.23
CA CYS B 129 -5.55 -10.85 12.21
C CYS B 129 -4.59 -11.92 11.68
N GLY B 130 -3.94 -11.66 10.56
CA GLY B 130 -2.95 -12.58 10.01
C GLY B 130 -1.77 -12.80 10.94
N MET B 131 -1.30 -11.74 11.60
CA MET B 131 -0.16 -11.80 12.55
C MET B 131 -0.50 -12.56 13.81
N ILE B 132 -1.77 -12.49 14.26
CA ILE B 132 -2.22 -13.24 15.44
C ILE B 132 -2.08 -14.75 15.16
N ILE B 133 -2.49 -15.19 13.95
CA ILE B 133 -2.40 -16.61 13.51
C ILE B 133 -0.93 -17.03 13.45
N LEU B 134 -0.07 -16.17 12.89
CA LEU B 134 1.36 -16.46 12.77
C LEU B 134 2.12 -16.49 14.12
N CYS B 135 1.50 -15.92 15.21
CA CYS B 135 2.06 -16.01 16.57
C CYS B 135 2.03 -17.49 17.03
N ILE B 136 0.95 -18.21 16.67
CA ILE B 136 0.86 -19.62 17.04
C ILE B 136 1.92 -20.39 16.23
N ALA B 137 2.08 -20.06 14.92
CA ALA B 137 3.07 -20.71 14.07
C ALA B 137 4.48 -20.54 14.66
N ALA B 138 4.80 -19.33 15.20
CA ALA B 138 6.09 -19.05 15.83
C ALA B 138 6.34 -19.97 17.05
N LEU B 139 5.28 -20.29 17.80
CA LEU B 139 5.34 -21.21 18.93
C LEU B 139 5.55 -22.67 18.47
N VAL B 140 4.85 -23.09 17.39
CA VAL B 140 4.91 -24.46 16.84
C VAL B 140 6.32 -24.77 16.30
N ILE B 141 6.93 -23.79 15.63
CA ILE B 141 8.27 -23.90 15.01
C ILE B 141 9.36 -24.23 16.08
N THR B 142 9.16 -23.79 17.33
CA THR B 142 10.06 -24.05 18.47
C THR B 142 10.04 -25.54 18.89
N LYS B 143 8.97 -26.31 18.54
CA LYS B 143 8.76 -27.71 18.94
C LYS B 143 8.75 -28.77 17.80
N LEU B 144 9.06 -28.35 16.58
CA LEU B 144 9.05 -29.18 15.39
C LEU B 144 10.19 -30.22 15.32
N ALA B 145 11.34 -29.92 15.96
CA ALA B 145 12.54 -30.77 16.02
C ALA B 145 12.29 -32.14 16.66
N ALA B 146 11.33 -32.21 17.60
CA ALA B 146 10.94 -33.42 18.33
C ALA B 146 10.40 -34.57 17.42
N GLY B 147 10.00 -34.23 16.19
CA GLY B 147 9.48 -35.18 15.22
C GLY B 147 8.09 -35.68 15.52
N ASP B 148 7.45 -35.10 16.56
CA ASP B 148 6.10 -35.38 17.05
C ASP B 148 5.44 -34.06 17.55
N ARG B 149 4.27 -34.20 18.21
CA ARG B 149 3.47 -33.08 18.73
C ARG B 149 3.50 -33.07 20.28
N SER B 150 4.61 -33.54 20.90
CA SER B 150 4.77 -33.57 22.37
C SER B 150 4.78 -32.16 22.95
N GLY B 151 5.32 -31.22 22.18
CA GLY B 151 5.40 -29.81 22.55
C GLY B 151 4.09 -29.06 22.50
N LEU B 152 2.98 -29.73 22.10
CA LEU B 152 1.64 -29.15 21.99
C LEU B 152 1.16 -28.49 23.28
N THR B 153 1.30 -29.17 24.43
CA THR B 153 0.89 -28.67 25.76
C THR B 153 1.57 -27.35 26.06
N ALA B 154 2.90 -27.28 25.86
CA ALA B 154 3.71 -26.09 26.06
C ALA B 154 3.29 -24.95 25.13
N VAL B 155 2.95 -25.29 23.86
CA VAL B 155 2.48 -24.31 22.88
C VAL B 155 1.21 -23.60 23.40
N ILE B 156 0.22 -24.41 23.83
CA ILE B 156 -1.06 -23.97 24.39
C ILE B 156 -0.85 -23.09 25.64
N ARG B 157 0.02 -23.53 26.58
CA ARG B 157 0.33 -22.80 27.81
C ARG B 157 0.91 -21.40 27.49
N ARG B 158 1.95 -21.34 26.65
CA ARG B 158 2.56 -20.08 26.26
C ARG B 158 1.57 -19.17 25.49
N ALA B 159 0.78 -19.73 24.56
CA ALA B 159 -0.23 -18.94 23.83
C ALA B 159 -1.28 -18.32 24.76
N ASN B 160 -1.79 -19.08 25.76
CA ASN B 160 -2.76 -18.55 26.73
C ASN B 160 -2.22 -17.35 27.51
N ASN B 161 -0.90 -17.34 27.76
CA ASN B 161 -0.23 -16.27 28.49
C ASN B 161 0.11 -15.06 27.65
N VAL B 162 0.82 -15.28 26.55
N VAL B 162 0.83 -15.27 26.53
CA VAL B 162 1.29 -14.25 25.63
CA VAL B 162 1.32 -14.23 25.62
C VAL B 162 0.16 -13.63 24.80
C VAL B 162 0.21 -13.65 24.71
N LEU B 163 -0.84 -14.43 24.41
CA LEU B 163 -1.95 -13.98 23.56
C LEU B 163 -3.24 -13.75 24.31
N LYS B 164 -3.15 -13.51 25.64
CA LYS B 164 -4.29 -13.26 26.53
C LYS B 164 -5.23 -12.15 26.00
N ASN B 165 -4.66 -11.02 25.55
CA ASN B 165 -5.48 -9.89 25.07
C ASN B 165 -6.18 -10.22 23.75
N GLU B 166 -5.51 -10.99 22.88
CA GLU B 166 -6.05 -11.37 21.58
C GLU B 166 -7.14 -12.42 21.74
N MET B 167 -7.02 -13.29 22.76
CA MET B 167 -8.05 -14.30 23.07
C MET B 167 -9.32 -13.63 23.58
N LYS B 168 -9.20 -12.47 24.25
CA LYS B 168 -10.38 -11.71 24.68
C LYS B 168 -11.08 -11.07 23.45
N ARG B 169 -10.30 -10.73 22.40
CA ARG B 169 -10.85 -10.12 21.21
C ARG B 169 -11.55 -11.12 20.28
N TYR B 170 -11.05 -12.39 20.24
CA TYR B 170 -11.50 -13.39 19.28
C TYR B 170 -11.86 -14.75 19.84
N LYS B 171 -13.15 -15.16 19.68
CA LYS B 171 -13.65 -16.47 20.11
C LYS B 171 -13.02 -17.65 19.37
N GLY B 172 -12.59 -17.43 18.13
CA GLY B 172 -11.97 -18.43 17.29
C GLY B 172 -10.47 -18.59 17.50
N LEU B 173 -9.89 -17.82 18.41
CA LEU B 173 -8.47 -17.95 18.73
C LEU B 173 -8.38 -19.10 19.75
N LEU B 174 -8.32 -20.32 19.20
CA LEU B 174 -8.27 -21.58 19.91
C LEU B 174 -6.89 -22.14 19.69
N PRO B 175 -5.95 -21.87 20.63
CA PRO B 175 -4.54 -22.27 20.42
C PRO B 175 -4.30 -23.74 20.09
N LYS B 176 -5.01 -24.68 20.74
CA LYS B 176 -4.86 -26.11 20.48
C LYS B 176 -5.12 -26.44 18.99
N ASP B 177 -6.29 -26.01 18.46
CA ASP B 177 -6.74 -26.26 17.08
C ASP B 177 -5.86 -25.58 16.03
N ILE B 178 -5.43 -24.35 16.31
CA ILE B 178 -4.55 -23.62 15.38
C ILE B 178 -3.17 -24.24 15.40
N ALA B 179 -2.64 -24.59 16.59
CA ALA B 179 -1.33 -25.24 16.71
C ALA B 179 -1.32 -26.59 15.98
N ASN B 180 -2.41 -27.36 16.11
CA ASN B 180 -2.53 -28.65 15.42
C ASN B 180 -2.53 -28.46 13.90
N SER B 181 -3.21 -27.40 13.42
CA SER B 181 -3.28 -27.08 12.01
C SER B 181 -1.91 -26.70 11.46
N PHE B 182 -1.08 -26.01 12.25
CA PHE B 182 0.29 -25.69 11.83
C PHE B 182 1.22 -26.92 11.81
N TYR B 183 1.14 -27.77 12.84
CA TYR B 183 1.88 -29.03 12.92
C TYR B 183 1.61 -29.86 11.64
N GLU B 184 0.32 -29.97 11.27
CA GLU B 184 -0.15 -30.69 10.09
C GLU B 184 0.40 -30.09 8.78
N VAL B 185 0.33 -28.75 8.64
CA VAL B 185 0.81 -28.05 7.44
C VAL B 185 2.35 -28.24 7.27
N PHE B 186 3.12 -28.17 8.36
CA PHE B 186 4.57 -28.33 8.38
C PHE B 186 5.01 -29.77 8.15
N GLU B 187 4.23 -30.75 8.65
CA GLU B 187 4.51 -32.18 8.42
C GLU B 187 4.20 -32.54 6.95
N LYS B 188 3.03 -32.15 6.43
CA LYS B 188 2.59 -32.43 5.05
C LYS B 188 3.44 -31.67 4.00
N HIS B 189 3.74 -30.38 4.26
CA HIS B 189 4.49 -29.53 3.34
C HIS B 189 5.69 -28.90 4.04
N PRO B 190 6.83 -29.64 4.20
CA PRO B 190 7.99 -29.08 4.91
C PRO B 190 8.63 -27.83 4.30
N HIS B 191 8.31 -27.50 3.03
CA HIS B 191 8.82 -26.28 2.36
C HIS B 191 8.25 -25.00 3.02
N PHE B 192 7.14 -25.14 3.76
CA PHE B 192 6.55 -24.06 4.51
C PHE B 192 7.40 -23.68 5.70
N ILE B 193 8.22 -24.60 6.22
CA ILE B 193 9.15 -24.31 7.31
C ILE B 193 10.16 -23.24 6.83
N ASP B 194 10.76 -23.44 5.64
CA ASP B 194 11.74 -22.51 5.06
C ASP B 194 11.10 -21.14 4.85
N VAL B 195 9.88 -21.13 4.28
CA VAL B 195 9.11 -19.92 4.02
C VAL B 195 8.85 -19.19 5.33
N PHE B 196 8.34 -19.94 6.33
CA PHE B 196 8.05 -19.36 7.63
C PHE B 196 9.28 -18.74 8.30
N VAL B 197 10.43 -19.43 8.29
CA VAL B 197 11.64 -18.94 8.95
C VAL B 197 12.14 -17.64 8.30
N HIS B 198 12.14 -17.58 6.96
CA HIS B 198 12.53 -16.36 6.23
C HIS B 198 11.55 -15.23 6.52
N PHE B 199 10.25 -15.56 6.63
CA PHE B 199 9.24 -14.57 6.98
C PHE B 199 9.51 -14.01 8.38
N GLY B 200 9.67 -14.90 9.36
CA GLY B 200 9.87 -14.53 10.74
C GLY B 200 11.09 -13.64 10.94
N ILE B 201 12.21 -13.96 10.23
CA ILE B 201 13.44 -13.16 10.28
C ILE B 201 13.16 -11.75 9.73
N ALA B 202 12.58 -11.65 8.50
CA ALA B 202 12.25 -10.37 7.86
C ALA B 202 11.24 -9.57 8.71
N GLN B 203 10.22 -10.23 9.26
CA GLN B 203 9.21 -9.60 10.11
C GLN B 203 9.81 -9.03 11.41
N SER B 204 10.61 -9.86 12.12
CA SER B 204 11.19 -9.50 13.41
C SER B 204 12.18 -8.32 13.36
N SER B 205 12.81 -8.05 12.20
CA SER B 205 13.78 -6.95 12.10
C SER B 205 13.10 -5.59 11.89
N THR B 206 11.78 -5.58 11.62
CA THR B 206 11.03 -4.36 11.37
C THR B 206 10.94 -3.49 12.62
N LYS B 207 11.11 -2.18 12.42
CA LYS B 207 11.04 -1.17 13.48
C LYS B 207 9.59 -0.76 13.69
N GLY B 208 9.25 -0.43 14.93
CA GLY B 208 7.93 0.01 15.35
C GLY B 208 6.89 -1.07 15.14
N GLY B 209 5.73 -0.67 14.64
CA GLY B 209 4.65 -1.61 14.39
C GLY B 209 3.74 -1.81 15.58
N SER B 210 2.67 -2.53 15.33
CA SER B 210 1.59 -2.86 16.25
C SER B 210 2.02 -3.72 17.47
N ARG B 211 1.12 -3.87 18.47
CA ARG B 211 1.40 -4.69 19.65
C ARG B 211 1.56 -6.15 19.26
N VAL B 212 0.72 -6.63 18.34
CA VAL B 212 0.78 -8.02 17.83
C VAL B 212 2.09 -8.26 17.05
N GLU B 213 2.59 -7.25 16.33
CA GLU B 213 3.88 -7.43 15.64
C GLU B 213 5.02 -7.61 16.62
N GLY B 214 4.94 -6.91 17.75
CA GLY B 214 5.93 -6.99 18.82
C GLY B 214 5.85 -8.32 19.54
N ILE B 215 4.64 -8.85 19.74
CA ILE B 215 4.42 -10.16 20.35
C ILE B 215 5.04 -11.22 19.40
N PHE B 216 4.73 -11.14 18.09
CA PHE B 216 5.31 -12.07 17.11
C PHE B 216 6.84 -12.05 17.15
N ALA B 217 7.47 -10.84 17.11
CA ALA B 217 8.94 -10.74 17.12
C ALA B 217 9.53 -11.39 18.38
N GLY B 218 8.88 -11.20 19.53
CA GLY B 218 9.28 -11.78 20.80
C GLY B 218 9.24 -13.30 20.78
N LEU B 219 8.13 -13.87 20.29
CA LEU B 219 8.00 -15.33 20.16
C LEU B 219 9.02 -15.91 19.17
N PHE B 220 9.14 -15.29 17.99
CA PHE B 220 10.03 -15.79 16.95
C PHE B 220 11.48 -15.81 17.43
N MET B 221 11.93 -14.71 18.03
CA MET B 221 13.29 -14.55 18.54
C MET B 221 13.58 -15.48 19.71
N ASN B 222 12.54 -15.89 20.45
CA ASN B 222 12.64 -16.83 21.56
C ASN B 222 12.82 -18.28 21.05
N ALA B 223 12.65 -18.49 19.75
CA ALA B 223 12.85 -19.79 19.12
C ALA B 223 14.33 -19.93 18.69
N TYR B 224 15.15 -18.90 19.00
CA TYR B 224 16.58 -18.76 18.69
C TYR B 224 17.51 -18.64 19.90
N GLY B 225 17.05 -17.99 20.97
CA GLY B 225 17.81 -17.80 22.19
C GLY B 225 17.25 -18.57 23.37
#